data_3HK0
#
_entry.id   3HK0
#
_cell.length_a   126.875
_cell.length_b   48.884
_cell.length_c   92.217
_cell.angle_alpha   90.00
_cell.angle_beta   114.14
_cell.angle_gamma   90.00
#
_symmetry.space_group_name_H-M   'C 1 2 1'
#
loop_
_entity.id
_entity.type
_entity.pdbx_description
1 polymer 'Growth factor receptor-bound protein 10'
2 non-polymer 'THIOCYANATE ION'
3 water water
#
_entity_poly.entity_id   1
_entity_poly.type   'polypeptide(L)'
_entity_poly.pdbx_seq_one_letter_code
;GSHMAAAKQDVKVFSEDGTSKVVEILADMTARDLCQLLVYKSHSVDDNSWTLVEHHPHLGLERCLEDHELVVQVESTMAS
ESKFLFRKNYAKYEFFKNPMNFFPEQMVTWSQQSNGSQTQLLQNFLNSSSSPEIQGFLHVKELGKKSWKKLYVCLRRSGL
YCSTKGTSAAPRHLQLLADLEDSNIFSLIAGRKQYNAPTDHGLCIKPNKVRNETKELRLLCAEDEQTRTSWMTAFRLLKY
GMLLYQNYRIPQQRKA
;
_entity_poly.pdbx_strand_id   A,B
#
loop_
_chem_comp.id
_chem_comp.type
_chem_comp.name
_chem_comp.formula
SCN non-polymer 'THIOCYANATE ION' 'C N S -1'
#
# COMPACT_ATOMS: atom_id res chain seq x y z
N LYS A 8 4.55 14.70 -21.53
CA LYS A 8 4.79 14.68 -23.00
C LYS A 8 5.48 13.40 -23.45
N GLN A 9 4.67 12.40 -23.83
CA GLN A 9 5.17 11.09 -24.26
C GLN A 9 4.15 10.33 -25.11
N ASP A 10 4.63 9.72 -26.19
CA ASP A 10 3.80 8.88 -27.04
C ASP A 10 3.78 7.44 -26.54
N VAL A 11 2.63 6.77 -26.69
CA VAL A 11 2.50 5.35 -26.40
C VAL A 11 1.54 4.66 -27.38
N LYS A 12 1.84 3.41 -27.73
CA LYS A 12 1.02 2.66 -28.69
C LYS A 12 0.10 1.63 -28.00
N VAL A 13 -1.20 1.77 -28.24
CA VAL A 13 -2.22 0.91 -27.64
C VAL A 13 -2.99 0.10 -28.70
N PHE A 14 -2.93 -1.23 -28.57
CA PHE A 14 -3.60 -2.14 -29.50
C PHE A 14 -4.98 -2.55 -29.00
N SER A 15 -5.97 -2.55 -29.88
CA SER A 15 -7.32 -2.98 -29.55
C SER A 15 -7.60 -4.41 -30.02
N GLU A 16 -8.66 -5.01 -29.48
CA GLU A 16 -9.11 -6.35 -29.88
C GLU A 16 -9.53 -6.41 -31.35
N ASP A 17 -9.82 -5.25 -31.94
CA ASP A 17 -10.12 -5.11 -33.36
C ASP A 17 -8.89 -5.41 -34.23
N GLY A 18 -7.71 -5.32 -33.61
CA GLY A 18 -6.43 -5.44 -34.31
C GLY A 18 -5.85 -4.07 -34.60
N THR A 19 -6.64 -3.03 -34.34
CA THR A 19 -6.28 -1.64 -34.62
C THR A 19 -5.24 -1.13 -33.61
N SER A 20 -4.45 -0.14 -34.04
CA SER A 20 -3.43 0.48 -33.20
C SER A 20 -3.45 1.99 -33.32
N LYS A 21 -3.48 2.67 -32.17
CA LYS A 21 -3.39 4.13 -32.15
C LYS A 21 -2.30 4.63 -31.21
N VAL A 22 -1.56 5.63 -31.68
CA VAL A 22 -0.50 6.28 -30.89
C VAL A 22 -1.11 7.46 -30.14
N VAL A 23 -1.03 7.40 -28.82
CA VAL A 23 -1.67 8.38 -27.95
C VAL A 23 -0.62 9.16 -27.15
N GLU A 24 -0.84 10.47 -27.02
CA GLU A 24 0.08 11.32 -26.25
C GLU A 24 -0.28 11.30 -24.77
N ILE A 25 0.56 10.64 -23.98
CA ILE A 25 0.36 10.46 -22.54
C ILE A 25 1.24 11.45 -21.77
N LEU A 26 0.70 11.97 -20.67
CA LEU A 26 1.48 12.80 -19.75
C LEU A 26 2.08 11.91 -18.66
N ALA A 27 3.19 12.35 -18.07
CA ALA A 27 3.95 11.53 -17.12
C ALA A 27 3.19 11.13 -15.86
N ASP A 28 2.04 11.76 -15.61
CA ASP A 28 1.26 11.47 -14.39
C ASP A 28 -0.07 10.74 -14.64
N MET A 29 -0.27 10.24 -15.85
CA MET A 29 -1.51 9.56 -16.19
C MET A 29 -1.58 8.14 -15.66
N THR A 30 -2.70 7.83 -15.00
CA THR A 30 -2.94 6.49 -14.49
C THR A 30 -3.55 5.62 -15.59
N ALA A 31 -3.48 4.30 -15.39
CA ALA A 31 -4.09 3.35 -16.32
C ALA A 31 -5.57 3.68 -16.60
N ARG A 32 -6.30 4.09 -15.57
CA ARG A 32 -7.71 4.42 -15.74
C ARG A 32 -7.94 5.75 -16.46
N ASP A 33 -6.97 6.66 -16.37
CA ASP A 33 -7.03 7.91 -17.13
C ASP A 33 -6.87 7.63 -18.62
N LEU A 34 -5.94 6.73 -18.95
CA LEU A 34 -5.72 6.31 -20.34
C LEU A 34 -6.95 5.59 -20.88
N CYS A 35 -7.47 4.64 -20.10
CA CYS A 35 -8.67 3.89 -20.47
C CYS A 35 -9.85 4.80 -20.77
N GLN A 36 -10.08 5.80 -19.90
CA GLN A 36 -11.14 6.79 -20.11
C GLN A 36 -10.88 7.63 -21.37
N LEU A 37 -9.63 8.02 -21.58
CA LEU A 37 -9.22 8.76 -22.77
C LEU A 37 -9.45 7.94 -24.04
N LEU A 38 -9.35 6.62 -23.92
CA LEU A 38 -9.57 5.72 -25.05
C LEU A 38 -11.05 5.42 -25.27
N VAL A 39 -11.80 5.29 -24.17
CA VAL A 39 -13.26 5.16 -24.22
C VAL A 39 -13.87 6.40 -24.88
N TYR A 40 -13.40 7.58 -24.43
CA TYR A 40 -13.76 8.84 -25.06
C TYR A 40 -13.10 8.91 -26.45
N LYS A 41 -13.67 8.17 -27.40
CA LYS A 41 -13.18 8.12 -28.79
C LYS A 41 -14.07 7.21 -29.65
N SER A 49 -14.45 -1.04 -16.38
CA SER A 49 -14.61 -2.26 -17.18
C SER A 49 -13.45 -2.48 -18.17
N TRP A 50 -13.06 -1.41 -18.87
CA TRP A 50 -11.88 -1.46 -19.75
C TRP A 50 -10.59 -1.61 -18.95
N THR A 51 -9.55 -2.15 -19.59
CA THR A 51 -8.28 -2.41 -18.94
C THR A 51 -7.12 -2.31 -19.93
N LEU A 52 -5.95 -1.91 -19.43
CA LEU A 52 -4.72 -1.92 -20.20
C LEU A 52 -3.95 -3.18 -19.87
N VAL A 53 -3.32 -3.79 -20.86
CA VAL A 53 -2.59 -5.03 -20.63
C VAL A 53 -1.13 -4.87 -21.02
N GLU A 54 -0.25 -5.35 -20.14
CA GLU A 54 1.20 -5.37 -20.36
C GLU A 54 1.56 -6.71 -21.04
N HIS A 55 1.63 -6.70 -22.36
CA HIS A 55 1.80 -7.93 -23.16
C HIS A 55 3.24 -8.16 -23.63
N HIS A 56 3.83 -9.25 -23.16
CA HIS A 56 5.19 -9.63 -23.55
C HIS A 56 5.18 -10.90 -24.39
N PRO A 57 5.27 -10.76 -25.73
CA PRO A 57 5.20 -11.91 -26.62
C PRO A 57 6.41 -12.86 -26.47
N HIS A 58 7.61 -12.30 -26.50
CA HIS A 58 8.86 -13.08 -26.42
C HIS A 58 8.97 -13.87 -25.10
N LEU A 59 8.48 -13.27 -24.01
CA LEU A 59 8.47 -13.94 -22.70
C LEU A 59 7.25 -14.85 -22.52
N GLY A 60 6.20 -14.58 -23.29
CA GLY A 60 4.95 -15.33 -23.17
C GLY A 60 4.20 -14.99 -21.91
N LEU A 61 4.17 -13.69 -21.58
CA LEU A 61 3.58 -13.20 -20.34
C LEU A 61 2.64 -12.04 -20.63
N GLU A 62 1.56 -11.94 -19.85
CA GLU A 62 0.75 -10.73 -19.85
C GLU A 62 0.11 -10.43 -18.49
N ARG A 63 -0.31 -9.18 -18.32
CA ARG A 63 -0.83 -8.68 -17.05
C ARG A 63 -1.67 -7.43 -17.30
N CYS A 64 -2.85 -7.39 -16.68
CA CYS A 64 -3.65 -6.18 -16.66
C CYS A 64 -3.06 -5.24 -15.62
N LEU A 65 -2.98 -3.97 -15.96
CA LEU A 65 -2.55 -2.98 -15.00
C LEU A 65 -3.68 -2.69 -14.03
N GLU A 66 -3.33 -2.57 -12.76
CA GLU A 66 -4.24 -2.04 -11.75
C GLU A 66 -4.51 -0.58 -12.10
N ASP A 67 -5.72 -0.11 -11.80
CA ASP A 67 -6.19 1.22 -12.25
C ASP A 67 -5.27 2.39 -11.92
N HIS A 68 -4.59 2.30 -10.77
CA HIS A 68 -3.80 3.40 -10.24
C HIS A 68 -2.40 3.49 -10.82
N GLU A 69 -1.96 2.44 -11.50
CA GLU A 69 -0.57 2.39 -12.00
C GLU A 69 -0.31 3.50 -13.00
N LEU A 70 0.87 4.09 -12.91
CA LEU A 70 1.30 5.14 -13.83
C LEU A 70 1.82 4.50 -15.10
N VAL A 71 1.15 4.80 -16.21
CA VAL A 71 1.43 4.17 -17.50
C VAL A 71 2.90 4.32 -17.90
N VAL A 72 3.42 5.53 -17.73
CA VAL A 72 4.83 5.82 -18.03
C VAL A 72 5.80 4.90 -17.27
N GLN A 73 5.50 4.63 -15.99
CA GLN A 73 6.37 3.77 -15.16
C GLN A 73 6.49 2.36 -15.75
N VAL A 74 5.35 1.76 -16.03
CA VAL A 74 5.28 0.43 -16.64
C VAL A 74 5.94 0.43 -18.03
N GLU A 75 5.73 1.51 -18.77
CA GLU A 75 6.24 1.63 -20.14
C GLU A 75 7.77 1.60 -20.23
N SER A 76 8.43 2.12 -19.20
CA SER A 76 9.89 2.20 -19.17
C SER A 76 10.55 0.85 -18.86
N THR A 77 9.77 -0.08 -18.31
CA THR A 77 10.26 -1.40 -17.97
C THR A 77 9.94 -2.42 -19.05
N MET A 78 9.64 -1.94 -20.26
CA MET A 78 9.22 -2.78 -21.37
C MET A 78 10.36 -3.05 -22.34
N ALA A 79 10.38 -4.28 -22.88
CA ALA A 79 11.31 -4.66 -23.93
C ALA A 79 10.81 -4.14 -25.29
N SER A 80 11.61 -4.32 -26.33
CA SER A 80 11.26 -3.90 -27.69
C SER A 80 9.94 -4.50 -28.17
N GLU A 81 9.82 -5.82 -28.07
CA GLU A 81 8.66 -6.54 -28.62
C GLU A 81 7.34 -6.36 -27.84
N SER A 82 7.43 -5.87 -26.60
CA SER A 82 6.26 -5.70 -25.73
C SER A 82 5.21 -4.74 -26.28
N LYS A 83 3.95 -4.99 -25.95
CA LYS A 83 2.83 -4.18 -26.42
C LYS A 83 1.87 -3.84 -25.28
N PHE A 84 1.15 -2.73 -25.42
CA PHE A 84 0.00 -2.43 -24.58
C PHE A 84 -1.27 -2.84 -25.31
N LEU A 85 -2.06 -3.71 -24.71
CA LEU A 85 -3.36 -4.09 -25.26
C LEU A 85 -4.46 -3.35 -24.52
N PHE A 86 -5.61 -3.18 -25.19
CA PHE A 86 -6.75 -2.49 -24.62
C PHE A 86 -7.99 -3.33 -24.82
N ARG A 87 -8.36 -4.08 -23.78
CA ARG A 87 -9.55 -4.93 -23.84
C ARG A 87 -10.45 -4.77 -22.61
N LYS A 88 -11.58 -5.47 -22.63
CA LYS A 88 -12.53 -5.43 -21.55
C LYS A 88 -12.19 -6.47 -20.50
N ASN A 89 -12.44 -6.12 -19.24
CA ASN A 89 -12.35 -7.09 -18.15
C ASN A 89 -13.46 -6.85 -17.13
N TYR A 90 -14.45 -7.74 -17.13
CA TYR A 90 -15.63 -7.63 -16.27
C TYR A 90 -15.50 -8.38 -14.94
N ALA A 91 -14.30 -8.87 -14.65
CA ALA A 91 -14.04 -9.58 -13.40
C ALA A 91 -12.92 -8.93 -12.58
N LYS A 92 -12.74 -7.63 -12.71
CA LYS A 92 -11.61 -6.92 -12.09
C LYS A 92 -11.48 -7.07 -10.57
N TYR A 93 -12.61 -7.14 -9.87
CA TYR A 93 -12.59 -7.16 -8.39
C TYR A 93 -13.52 -8.20 -7.75
N GLU A 94 -13.45 -9.43 -8.23
CA GLU A 94 -14.37 -10.48 -7.77
C GLU A 94 -14.20 -10.84 -6.29
N PHE A 95 -12.98 -10.73 -5.77
CA PHE A 95 -12.75 -10.95 -4.35
C PHE A 95 -13.52 -9.93 -3.51
N PHE A 96 -13.54 -8.67 -3.94
CA PHE A 96 -14.16 -7.61 -3.16
C PHE A 96 -15.69 -7.72 -3.12
N LYS A 97 -16.26 -8.26 -4.20
CA LYS A 97 -17.71 -8.44 -4.31
C LYS A 97 -18.24 -9.51 -3.37
N ASN A 98 -17.44 -10.54 -3.12
CA ASN A 98 -17.80 -11.62 -2.20
C ASN A 98 -16.55 -12.19 -1.51
N PRO A 99 -15.96 -11.42 -0.57
CA PRO A 99 -14.68 -11.79 0.06
C PRO A 99 -14.74 -13.02 0.96
N MET A 100 -15.83 -13.19 1.71
CA MET A 100 -15.96 -14.30 2.65
C MET A 100 -16.04 -15.66 1.97
N ASN A 101 -16.29 -15.67 0.65
CA ASN A 101 -16.45 -16.92 -0.08
C ASN A 101 -15.65 -17.01 -1.39
N PHE A 102 -14.60 -16.21 -1.51
CA PHE A 102 -13.80 -16.18 -2.73
C PHE A 102 -12.75 -17.28 -2.79
N PHE A 103 -12.08 -17.51 -1.67
CA PHE A 103 -10.99 -18.47 -1.61
C PHE A 103 -11.47 -19.85 -1.17
N PRO A 104 -11.09 -20.90 -1.93
CA PRO A 104 -11.45 -22.27 -1.59
C PRO A 104 -10.99 -22.60 -0.18
N GLU A 105 -11.59 -23.64 0.42
CA GLU A 105 -11.34 -23.97 1.82
C GLU A 105 -9.85 -24.08 2.17
N GLN A 106 -9.46 -23.37 3.22
CA GLN A 106 -8.12 -23.46 3.84
C GLN A 106 -6.93 -23.17 2.89
N MET A 107 -7.19 -22.50 1.78
CA MET A 107 -6.14 -21.98 0.91
C MET A 107 -5.49 -20.76 1.55
N VAL A 108 -6.28 -20.02 2.33
CA VAL A 108 -5.81 -18.80 2.95
C VAL A 108 -5.94 -18.88 4.46
N THR A 109 -4.81 -18.77 5.16
CA THR A 109 -4.81 -18.69 6.62
C THR A 109 -4.01 -17.47 7.11
N TRP A 110 -4.02 -17.24 8.42
CA TRP A 110 -3.39 -16.05 9.00
C TRP A 110 -2.50 -16.40 10.18
N SER A 111 -1.41 -15.63 10.31
CA SER A 111 -0.45 -15.82 11.39
C SER A 111 -0.45 -14.62 12.31
N GLN A 112 0.52 -14.57 13.22
CA GLN A 112 0.66 -13.47 14.20
C GLN A 112 -0.69 -12.94 14.76
N GLN A 113 -1.68 -13.84 14.85
CA GLN A 113 -3.00 -13.53 15.37
C GLN A 113 -3.12 -13.92 16.84
N SER A 114 -3.53 -12.97 17.67
CA SER A 114 -3.62 -13.19 19.12
C SER A 114 -4.90 -13.91 19.51
N LEU A 121 -11.34 -10.98 7.16
CA LEU A 121 -10.60 -11.47 6.00
C LEU A 121 -10.26 -10.35 5.02
N LEU A 122 -11.26 -9.52 4.70
CA LEU A 122 -11.01 -8.29 3.96
C LEU A 122 -10.04 -7.42 4.75
N GLN A 123 -10.36 -7.23 6.03
CA GLN A 123 -9.57 -6.43 6.95
C GLN A 123 -8.12 -6.88 7.01
N ASN A 124 -7.92 -8.20 7.11
CA ASN A 124 -6.58 -8.77 7.15
C ASN A 124 -5.79 -8.54 5.86
N PHE A 125 -6.42 -8.77 4.71
CA PHE A 125 -5.76 -8.48 3.43
C PHE A 125 -5.42 -6.98 3.27
N LEU A 126 -6.25 -6.10 3.81
CA LEU A 126 -6.03 -4.66 3.65
C LEU A 126 -5.11 -4.08 4.72
N ASN A 127 -4.83 -4.88 5.74
CA ASN A 127 -3.89 -4.49 6.78
C ASN A 127 -2.48 -4.93 6.40
N SER A 128 -1.62 -3.97 6.08
CA SER A 128 -0.29 -4.31 5.59
C SER A 128 0.62 -4.91 6.68
N SER A 129 0.14 -4.95 7.92
CA SER A 129 0.88 -5.57 9.02
C SER A 129 0.50 -7.04 9.25
N SER A 130 -0.56 -7.49 8.57
CA SER A 130 -1.04 -8.87 8.69
C SER A 130 -0.02 -9.86 8.14
N SER A 131 -0.12 -11.11 8.55
CA SER A 131 0.76 -12.14 7.99
C SER A 131 -0.05 -13.15 7.17
N PRO A 132 -0.39 -12.81 5.91
CA PRO A 132 -1.17 -13.72 5.09
C PRO A 132 -0.40 -15.00 4.79
N GLU A 133 -1.15 -16.09 4.68
CA GLU A 133 -0.57 -17.38 4.37
C GLU A 133 -1.46 -18.00 3.31
N ILE A 134 -0.90 -18.18 2.11
CA ILE A 134 -1.63 -18.78 1.00
C ILE A 134 -0.93 -20.08 0.60
N GLN A 135 -1.70 -21.16 0.58
CA GLN A 135 -1.21 -22.54 0.47
C GLN A 135 -1.95 -23.32 -0.62
N GLY A 136 -1.23 -24.23 -1.27
CA GLY A 136 -1.84 -25.15 -2.23
C GLY A 136 -0.81 -25.78 -3.14
N PHE A 137 -1.20 -26.86 -3.81
CA PHE A 137 -0.35 -27.50 -4.81
C PHE A 137 -0.32 -26.70 -6.12
N LEU A 138 0.88 -26.61 -6.70
CA LEU A 138 1.09 -26.00 -8.01
C LEU A 138 2.26 -26.71 -8.69
N HIS A 139 2.22 -26.78 -10.02
CA HIS A 139 3.40 -27.19 -10.77
C HIS A 139 4.37 -26.01 -10.80
N VAL A 140 5.62 -26.26 -10.41
CA VAL A 140 6.66 -25.22 -10.37
C VAL A 140 7.73 -25.56 -11.37
N LYS A 141 8.02 -24.63 -12.28
CA LYS A 141 9.10 -24.80 -13.25
C LYS A 141 10.41 -24.39 -12.62
N GLU A 142 11.46 -25.15 -12.93
CA GLU A 142 12.79 -24.84 -12.43
C GLU A 142 13.37 -23.69 -13.24
N LEU A 143 14.08 -22.79 -12.55
CA LEU A 143 14.71 -21.63 -13.19
C LEU A 143 15.52 -22.02 -14.43
N GLY A 144 15.21 -21.37 -15.55
CA GLY A 144 16.00 -21.50 -16.78
C GLY A 144 15.96 -22.83 -17.51
N LYS A 145 15.19 -23.79 -16.99
CA LYS A 145 15.06 -25.09 -17.64
C LYS A 145 13.59 -25.42 -17.86
N LYS A 146 13.30 -26.15 -18.93
CA LYS A 146 11.92 -26.55 -19.23
C LYS A 146 11.50 -27.83 -18.46
N SER A 147 11.72 -27.83 -17.13
CA SER A 147 11.40 -29.00 -16.31
C SER A 147 10.56 -28.64 -15.06
N TRP A 148 9.46 -29.37 -14.89
CA TRP A 148 8.45 -29.05 -13.86
C TRP A 148 8.37 -30.09 -12.74
N LYS A 149 7.90 -29.66 -11.57
CA LYS A 149 7.61 -30.58 -10.46
C LYS A 149 6.44 -30.05 -9.63
N LYS A 150 5.48 -30.92 -9.36
CA LYS A 150 4.34 -30.56 -8.53
C LYS A 150 4.79 -30.41 -7.07
N LEU A 151 4.48 -29.26 -6.48
CA LEU A 151 4.95 -28.93 -5.13
C LEU A 151 3.86 -28.25 -4.29
N TYR A 152 3.92 -28.46 -2.98
CA TYR A 152 3.09 -27.68 -2.07
C TYR A 152 3.70 -26.30 -1.90
N VAL A 153 2.91 -25.30 -2.27
CA VAL A 153 3.40 -23.94 -2.40
C VAL A 153 2.83 -23.04 -1.33
N CYS A 154 3.70 -22.19 -0.80
CA CYS A 154 3.38 -21.34 0.34
C CYS A 154 3.81 -19.91 0.07
N LEU A 155 2.83 -19.02 -0.03
CA LEU A 155 3.05 -17.59 -0.25
C LEU A 155 2.99 -16.83 1.08
N ARG A 156 3.98 -15.97 1.31
CA ARG A 156 3.93 -14.99 2.39
C ARG A 156 4.48 -13.65 1.89
N ARG A 157 4.26 -12.59 2.65
CA ARG A 157 4.81 -11.26 2.30
C ARG A 157 6.31 -11.32 2.05
N SER A 158 6.99 -12.24 2.75
CA SER A 158 8.45 -12.33 2.67
C SER A 158 8.96 -13.08 1.44
N GLY A 159 8.02 -13.72 0.72
CA GLY A 159 8.35 -14.45 -0.50
C GLY A 159 7.43 -15.60 -0.88
N LEU A 160 7.77 -16.29 -1.96
CA LEU A 160 7.08 -17.50 -2.36
C LEU A 160 7.97 -18.67 -2.02
N TYR A 161 7.44 -19.60 -1.22
CA TYR A 161 8.18 -20.78 -0.82
C TYR A 161 7.46 -22.02 -1.31
N CYS A 162 8.16 -23.14 -1.27
CA CYS A 162 7.57 -24.46 -1.47
C CYS A 162 8.06 -25.38 -0.38
N SER A 163 7.24 -26.36 -0.02
CA SER A 163 7.57 -27.31 1.04
C SER A 163 8.54 -28.36 0.53
N THR A 164 9.53 -28.70 1.35
CA THR A 164 10.50 -29.76 1.03
C THR A 164 10.11 -31.08 1.67
N LYS A 165 8.94 -31.09 2.31
CA LYS A 165 8.41 -32.29 2.96
C LYS A 165 6.88 -32.27 2.93
N GLY A 166 6.31 -32.87 1.89
CA GLY A 166 4.86 -32.99 1.72
C GLY A 166 4.14 -31.66 1.78
N THR A 167 3.26 -31.52 2.77
CA THR A 167 2.46 -30.30 2.94
C THR A 167 2.84 -29.54 4.21
N SER A 168 4.04 -29.80 4.72
CA SER A 168 4.55 -29.10 5.89
C SER A 168 4.95 -27.67 5.55
N ALA A 169 4.30 -26.73 6.20
CA ALA A 169 4.59 -25.31 6.04
C ALA A 169 5.56 -24.85 7.13
N ALA A 170 6.20 -25.81 7.79
CA ALA A 170 7.17 -25.49 8.84
C ALA A 170 8.30 -24.69 8.21
N PRO A 171 8.80 -23.66 8.94
CA PRO A 171 9.92 -22.87 8.41
C PRO A 171 11.09 -23.74 7.97
N ARG A 172 11.46 -24.71 8.80
CA ARG A 172 12.55 -25.65 8.48
C ARG A 172 12.29 -26.48 7.23
N HIS A 173 11.03 -26.54 6.79
CA HIS A 173 10.68 -27.28 5.59
C HIS A 173 10.32 -26.38 4.41
N LEU A 174 10.49 -25.07 4.58
CA LEU A 174 10.21 -24.13 3.49
C LEU A 174 11.47 -23.67 2.76
N GLN A 175 11.44 -23.80 1.44
CA GLN A 175 12.53 -23.36 0.58
C GLN A 175 12.08 -22.12 -0.15
N LEU A 176 12.88 -21.05 -0.08
CA LEU A 176 12.54 -19.80 -0.75
C LEU A 176 12.70 -19.94 -2.26
N LEU A 177 11.64 -19.65 -3.00
CA LEU A 177 11.66 -19.73 -4.46
C LEU A 177 11.85 -18.36 -5.09
N ALA A 178 10.96 -17.43 -4.73
CA ALA A 178 11.00 -16.08 -5.27
C ALA A 178 10.82 -15.02 -4.18
N ASP A 179 11.71 -14.03 -4.21
CA ASP A 179 11.51 -12.76 -3.52
C ASP A 179 10.36 -12.06 -4.24
N LEU A 180 9.62 -11.21 -3.53
CA LEU A 180 8.46 -10.54 -4.14
C LEU A 180 8.68 -9.05 -4.38
N GLU A 181 9.70 -8.49 -3.75
CA GLU A 181 10.05 -7.08 -3.91
C GLU A 181 10.34 -6.77 -5.37
N ASP A 182 9.84 -5.62 -5.82
CA ASP A 182 10.08 -5.13 -7.18
C ASP A 182 9.78 -6.17 -8.27
N SER A 183 8.58 -6.73 -8.20
CA SER A 183 8.09 -7.67 -9.21
C SER A 183 6.57 -7.60 -9.38
N ASN A 184 6.05 -8.31 -10.37
CA ASN A 184 4.62 -8.35 -10.64
C ASN A 184 4.20 -9.76 -11.03
N ILE A 185 2.92 -10.06 -10.82
CA ILE A 185 2.39 -11.36 -11.21
C ILE A 185 1.83 -11.31 -12.63
N PHE A 186 2.22 -12.27 -13.45
CA PHE A 186 1.79 -12.32 -14.83
C PHE A 186 1.05 -13.60 -15.15
N SER A 187 0.05 -13.47 -16.01
CA SER A 187 -0.63 -14.61 -16.60
C SER A 187 0.27 -15.18 -17.71
N LEU A 188 0.35 -16.50 -17.78
CA LEU A 188 1.16 -17.18 -18.78
C LEU A 188 0.33 -17.41 -20.04
N ILE A 189 0.63 -16.64 -21.09
CA ILE A 189 -0.05 -16.77 -22.39
C ILE A 189 0.62 -17.79 -23.31
N ALA A 190 1.95 -17.93 -23.19
CA ALA A 190 2.73 -18.87 -23.99
C ALA A 190 2.26 -20.30 -23.77
N GLY A 191 2.15 -20.67 -22.49
CA GLY A 191 1.56 -21.92 -22.03
C GLY A 191 2.30 -23.19 -22.41
N ARG A 192 1.54 -24.10 -23.00
CA ARG A 192 1.99 -25.45 -23.35
C ARG A 192 3.20 -25.49 -24.29
N LYS A 193 3.19 -24.67 -25.34
CA LYS A 193 4.21 -24.79 -26.39
C LYS A 193 5.60 -24.28 -25.97
N GLN A 194 5.64 -23.12 -25.30
CA GLN A 194 6.91 -22.43 -25.01
C GLN A 194 7.71 -23.01 -23.85
N TYR A 195 7.02 -23.36 -22.76
CA TYR A 195 7.71 -23.79 -21.56
C TYR A 195 7.43 -25.23 -21.19
N ASN A 196 6.81 -25.97 -22.10
CA ASN A 196 6.35 -27.34 -21.85
C ASN A 196 5.48 -27.40 -20.59
N ALA A 197 4.58 -26.42 -20.46
CA ALA A 197 3.76 -26.25 -19.27
C ALA A 197 2.74 -27.39 -19.11
N PRO A 198 2.60 -27.92 -17.88
CA PRO A 198 1.75 -29.09 -17.59
C PRO A 198 0.25 -28.81 -17.77
N THR A 199 -0.16 -27.56 -17.58
CA THR A 199 -1.57 -27.19 -17.75
C THR A 199 -1.69 -25.87 -18.51
N ASP A 200 -2.92 -25.50 -18.82
CA ASP A 200 -3.21 -24.22 -19.49
C ASP A 200 -3.19 -23.06 -18.54
N HIS A 201 -3.12 -23.34 -17.25
CA HIS A 201 -3.43 -22.36 -16.22
C HIS A 201 -2.17 -21.89 -15.51
N GLY A 202 -1.26 -21.32 -16.29
CA GLY A 202 0.02 -20.86 -15.76
C GLY A 202 0.05 -19.39 -15.39
N LEU A 203 0.82 -19.09 -14.34
CA LEU A 203 1.14 -17.72 -13.97
C LEU A 203 2.64 -17.60 -13.76
N CYS A 204 3.11 -16.37 -13.57
CA CYS A 204 4.54 -16.12 -13.40
C CYS A 204 4.83 -14.89 -12.54
N ILE A 205 5.74 -15.06 -11.59
CA ILE A 205 6.32 -13.94 -10.88
C ILE A 205 7.53 -13.48 -11.68
N LYS A 206 7.39 -12.35 -12.36
CA LYS A 206 8.47 -11.74 -13.12
C LYS A 206 9.05 -10.59 -12.31
N PRO A 207 10.36 -10.65 -11.98
CA PRO A 207 11.05 -9.49 -11.41
C PRO A 207 11.11 -8.35 -12.41
N ASN A 208 10.86 -7.12 -11.95
CA ASN A 208 10.79 -5.95 -12.85
C ASN A 208 11.99 -5.73 -13.75
N LYS A 209 13.19 -6.04 -13.25
CA LYS A 209 14.45 -5.82 -14.00
C LYS A 209 14.54 -6.66 -15.30
N VAL A 210 13.79 -7.75 -15.36
CA VAL A 210 13.80 -8.66 -16.51
C VAL A 210 13.29 -7.99 -17.79
N ARG A 211 14.04 -8.15 -18.88
CA ARG A 211 13.65 -7.64 -20.19
C ARG A 211 13.45 -8.77 -21.19
N ASN A 212 14.54 -9.50 -21.46
CA ASN A 212 14.55 -10.56 -22.48
C ASN A 212 14.91 -11.95 -21.94
N GLU A 213 15.50 -11.99 -20.75
CA GLU A 213 16.00 -13.24 -20.17
C GLU A 213 14.88 -14.01 -19.48
N THR A 214 14.65 -15.23 -19.96
CA THR A 214 13.63 -16.09 -19.37
C THR A 214 14.16 -16.85 -18.14
N LYS A 215 15.49 -16.99 -18.07
CA LYS A 215 16.17 -17.77 -17.04
C LYS A 215 15.76 -17.47 -15.59
N GLU A 216 15.44 -16.21 -15.30
CA GLU A 216 15.02 -15.82 -13.93
C GLU A 216 13.50 -15.75 -13.74
N LEU A 217 12.77 -16.29 -14.71
CA LEU A 217 11.32 -16.36 -14.61
C LEU A 217 10.90 -17.52 -13.72
N ARG A 218 10.01 -17.21 -12.77
CA ARG A 218 9.44 -18.23 -11.91
C ARG A 218 8.06 -18.60 -12.39
N LEU A 219 7.98 -19.72 -13.12
CA LEU A 219 6.70 -20.18 -13.66
C LEU A 219 5.94 -21.13 -12.73
N LEU A 220 4.62 -20.96 -12.68
CA LEU A 220 3.75 -21.83 -11.89
C LEU A 220 2.56 -22.28 -12.74
N CYS A 221 2.04 -23.47 -12.45
CA CYS A 221 0.85 -23.98 -13.15
C CYS A 221 -0.18 -24.54 -12.20
N ALA A 222 -1.37 -23.94 -12.23
CA ALA A 222 -2.52 -24.42 -11.47
C ALA A 222 -3.26 -25.50 -12.24
N GLU A 223 -4.05 -26.28 -11.53
CA GLU A 223 -4.78 -27.40 -12.13
C GLU A 223 -6.00 -26.95 -12.92
N ASP A 224 -6.49 -25.74 -12.63
CA ASP A 224 -7.71 -25.21 -13.26
C ASP A 224 -7.72 -23.68 -13.24
N GLU A 225 -8.68 -23.09 -13.93
CA GLU A 225 -8.80 -21.65 -14.04
C GLU A 225 -9.01 -20.99 -12.68
N GLN A 226 -10.02 -21.45 -11.94
CA GLN A 226 -10.36 -20.89 -10.62
C GLN A 226 -9.15 -20.83 -9.69
N THR A 227 -8.39 -21.93 -9.64
CA THR A 227 -7.16 -22.00 -8.84
C THR A 227 -6.13 -20.96 -9.28
N ARG A 228 -6.00 -20.74 -10.59
CA ARG A 228 -5.11 -19.69 -11.10
C ARG A 228 -5.55 -18.29 -10.67
N THR A 229 -6.83 -17.97 -10.89
CA THR A 229 -7.38 -16.69 -10.47
C THR A 229 -7.16 -16.45 -8.98
N SER A 230 -7.34 -17.49 -8.17
CA SER A 230 -7.15 -17.40 -6.73
C SER A 230 -5.74 -16.96 -6.34
N TRP A 231 -4.74 -17.62 -6.91
CA TRP A 231 -3.34 -17.29 -6.64
C TRP A 231 -2.96 -15.87 -7.08
N MET A 232 -3.43 -15.48 -8.25
CA MET A 232 -3.11 -14.15 -8.79
C MET A 232 -3.75 -13.05 -7.97
N THR A 233 -5.03 -13.21 -7.66
CA THR A 233 -5.73 -12.35 -6.72
C THR A 233 -4.95 -12.20 -5.41
N ALA A 234 -4.54 -13.33 -4.82
CA ALA A 234 -3.78 -13.32 -3.56
C ALA A 234 -2.49 -12.52 -3.72
N PHE A 235 -1.72 -12.82 -4.77
CA PHE A 235 -0.52 -12.04 -5.12
C PHE A 235 -0.81 -10.55 -5.16
N ARG A 236 -1.79 -10.20 -5.99
CA ARG A 236 -2.19 -8.82 -6.14
C ARG A 236 -2.55 -8.21 -4.79
N LEU A 237 -3.35 -8.94 -4.02
CA LEU A 237 -3.77 -8.49 -2.70
C LEU A 237 -2.57 -8.21 -1.82
N LEU A 238 -1.56 -9.07 -1.85
CA LEU A 238 -0.35 -8.90 -1.06
C LEU A 238 0.49 -7.70 -1.49
N LYS A 239 0.66 -7.56 -2.80
CA LYS A 239 1.44 -6.48 -3.37
C LYS A 239 0.75 -5.14 -3.15
N TYR A 240 -0.51 -5.03 -3.59
CA TYR A 240 -1.18 -3.74 -3.71
C TYR A 240 -2.07 -3.35 -2.52
N GLY A 241 -2.64 -4.33 -1.84
CA GLY A 241 -3.41 -4.10 -0.61
C GLY A 241 -4.54 -3.09 -0.73
N MET A 242 -4.48 -2.06 0.09
CA MET A 242 -5.53 -1.04 0.16
C MET A 242 -5.79 -0.30 -1.16
N LEU A 243 -4.75 -0.18 -2.00
CA LEU A 243 -4.88 0.47 -3.30
C LEU A 243 -5.96 -0.20 -4.13
N LEU A 244 -6.02 -1.53 -4.07
CA LEU A 244 -7.00 -2.28 -4.84
C LEU A 244 -8.42 -2.03 -4.36
N TYR A 245 -8.57 -1.84 -3.05
CA TYR A 245 -9.86 -1.50 -2.48
C TYR A 245 -10.31 -0.12 -2.91
N GLN A 246 -9.39 0.84 -2.94
CA GLN A 246 -9.68 2.17 -3.45
C GLN A 246 -10.19 2.07 -4.88
N ASN A 247 -9.42 1.37 -5.71
CA ASN A 247 -9.77 1.15 -7.11
C ASN A 247 -11.17 0.55 -7.28
N TYR A 248 -11.49 -0.46 -6.46
CA TYR A 248 -12.81 -1.10 -6.48
C TYR A 248 -13.93 -0.11 -6.16
N ARG A 249 -13.67 0.79 -5.23
CA ARG A 249 -14.64 1.81 -4.85
C ARG A 249 -14.51 3.11 -5.66
N ILE A 250 -13.79 3.03 -6.78
CA ILE A 250 -13.48 4.14 -7.70
C ILE A 250 -12.89 5.39 -7.02
N GLN B 9 -18.18 -3.33 15.62
CA GLN B 9 -19.39 -3.00 14.82
C GLN B 9 -20.13 -1.78 15.37
N ASP B 10 -20.23 -1.68 16.70
CA ASP B 10 -20.65 -0.42 17.34
C ASP B 10 -19.42 0.45 17.63
N VAL B 11 -19.48 1.70 17.20
CA VAL B 11 -18.38 2.66 17.38
C VAL B 11 -18.91 3.96 18.01
N LYS B 12 -18.21 4.43 19.05
CA LYS B 12 -18.56 5.69 19.73
C LYS B 12 -17.76 6.87 19.19
N VAL B 13 -18.45 7.96 18.90
CA VAL B 13 -17.83 9.14 18.31
C VAL B 13 -18.19 10.41 19.08
N PHE B 14 -17.16 11.15 19.47
CA PHE B 14 -17.31 12.41 20.21
C PHE B 14 -17.23 13.60 19.27
N SER B 15 -18.23 14.47 19.34
CA SER B 15 -18.13 15.78 18.69
C SER B 15 -17.33 16.71 19.59
N GLU B 16 -16.93 17.86 19.05
CA GLU B 16 -16.09 18.82 19.78
C GLU B 16 -16.71 19.30 21.09
N ASP B 17 -18.04 19.20 21.19
CA ASP B 17 -18.79 19.64 22.37
C ASP B 17 -18.47 18.80 23.59
N GLY B 18 -18.21 17.51 23.36
CA GLY B 18 -18.16 16.53 24.44
C GLY B 18 -19.35 15.60 24.34
N THR B 19 -20.28 15.95 23.46
CA THR B 19 -21.40 15.08 23.11
C THR B 19 -20.90 13.89 22.31
N SER B 20 -21.64 12.78 22.34
CA SER B 20 -21.24 11.57 21.65
C SER B 20 -22.44 10.73 21.22
N LYS B 21 -22.25 9.95 20.17
CA LYS B 21 -23.24 8.97 19.73
C LYS B 21 -22.59 7.65 19.36
N VAL B 22 -23.34 6.57 19.49
CA VAL B 22 -22.90 5.24 19.09
C VAL B 22 -23.53 4.89 17.76
N VAL B 23 -22.68 4.56 16.78
CA VAL B 23 -23.12 4.23 15.44
C VAL B 23 -22.64 2.83 15.06
N GLU B 24 -23.49 2.09 14.34
CA GLU B 24 -23.14 0.77 13.82
C GLU B 24 -22.41 0.88 12.47
N ILE B 25 -21.15 0.44 12.43
CA ILE B 25 -20.38 0.35 11.17
C ILE B 25 -20.10 -1.08 10.73
N LEU B 26 -20.19 -1.31 9.42
CA LEU B 26 -19.73 -2.55 8.79
C LEU B 26 -18.20 -2.50 8.73
N ALA B 27 -17.54 -3.66 8.84
CA ALA B 27 -16.07 -3.72 8.86
C ALA B 27 -15.40 -3.14 7.61
N ASP B 28 -16.14 -3.05 6.50
CA ASP B 28 -15.59 -2.52 5.24
C ASP B 28 -15.65 -0.99 5.09
N MET B 29 -16.00 -0.31 6.18
CA MET B 29 -16.17 1.15 6.14
C MET B 29 -14.90 1.95 6.41
N THR B 30 -14.60 2.83 5.47
CA THR B 30 -13.46 3.71 5.57
C THR B 30 -13.81 4.90 6.47
N ALA B 31 -12.78 5.66 6.84
CA ALA B 31 -12.97 6.88 7.63
C ALA B 31 -13.97 7.87 7.01
N ARG B 32 -13.91 8.04 5.68
CA ARG B 32 -14.85 8.96 5.04
C ARG B 32 -16.27 8.38 4.92
N ASP B 33 -16.36 7.05 4.86
CA ASP B 33 -17.65 6.38 4.98
C ASP B 33 -18.33 6.83 6.28
N LEU B 34 -17.64 6.64 7.41
CA LEU B 34 -18.18 7.01 8.72
C LEU B 34 -18.54 8.50 8.77
N CYS B 35 -17.64 9.34 8.25
CA CYS B 35 -17.89 10.79 8.20
C CYS B 35 -19.16 11.14 7.42
N GLN B 36 -19.39 10.44 6.32
CA GLN B 36 -20.61 10.59 5.52
C GLN B 36 -21.80 9.95 6.22
N LEU B 37 -21.54 8.91 7.01
CA LEU B 37 -22.58 8.26 7.79
C LEU B 37 -23.03 9.14 8.96
N LEU B 38 -22.21 10.13 9.31
CA LEU B 38 -22.50 11.07 10.38
C LEU B 38 -23.09 12.39 9.88
N VAL B 39 -22.65 12.84 8.71
CA VAL B 39 -23.20 14.04 8.07
C VAL B 39 -24.65 13.79 7.68
N TYR B 40 -24.89 12.64 7.06
CA TYR B 40 -26.22 12.06 6.97
C TYR B 40 -26.49 11.51 8.37
N LYS B 41 -27.67 11.78 8.92
CA LYS B 41 -27.97 11.42 10.31
C LYS B 41 -27.16 12.29 11.28
N ASN B 48 -16.68 17.90 2.29
CA ASN B 48 -15.57 16.94 2.31
C ASN B 48 -14.52 17.22 3.40
N SER B 49 -14.75 18.29 4.17
CA SER B 49 -13.83 18.74 5.23
C SER B 49 -13.87 17.89 6.52
N TRP B 50 -14.97 17.16 6.73
CA TRP B 50 -15.13 16.35 7.94
C TRP B 50 -14.03 15.30 8.07
N THR B 51 -13.59 15.10 9.31
CA THR B 51 -12.52 14.15 9.61
C THR B 51 -12.78 13.44 10.93
N LEU B 52 -12.24 12.22 11.03
CA LEU B 52 -12.19 11.50 12.29
C LEU B 52 -10.79 11.64 12.88
N VAL B 53 -10.74 11.97 14.17
CA VAL B 53 -9.50 12.06 14.90
C VAL B 53 -9.37 10.86 15.84
N GLU B 54 -8.19 10.25 15.84
CA GLU B 54 -7.82 9.19 16.76
C GLU B 54 -7.18 9.88 17.95
N HIS B 55 -7.91 9.94 19.05
CA HIS B 55 -7.57 10.81 20.17
C HIS B 55 -7.16 10.03 21.41
N HIS B 56 -5.95 10.28 21.89
CA HIS B 56 -5.42 9.62 23.09
C HIS B 56 -5.03 10.67 24.14
N PRO B 57 -5.89 10.84 25.17
CA PRO B 57 -5.60 11.80 26.24
C PRO B 57 -4.42 11.36 27.08
N HIS B 58 -4.37 10.07 27.42
CA HIS B 58 -3.30 9.50 28.23
C HIS B 58 -1.93 9.65 27.57
N LEU B 59 -1.84 9.39 26.27
CA LEU B 59 -0.59 9.57 25.54
C LEU B 59 -0.31 11.03 25.21
N GLY B 60 -1.36 11.85 25.16
CA GLY B 60 -1.26 13.23 24.70
C GLY B 60 -0.98 13.29 23.20
N LEU B 61 -1.61 12.36 22.49
CA LEU B 61 -1.39 12.19 21.05
C LEU B 61 -2.72 12.12 20.30
N GLU B 62 -2.80 12.84 19.18
CA GLU B 62 -3.94 12.70 18.27
C GLU B 62 -3.52 12.75 16.80
N ARG B 63 -4.42 12.30 15.94
CA ARG B 63 -4.13 12.11 14.53
C ARG B 63 -5.45 12.01 13.77
N CYS B 64 -5.57 12.76 12.69
CA CYS B 64 -6.67 12.56 11.74
C CYS B 64 -6.48 11.24 11.03
N LEU B 65 -7.56 10.47 10.90
CA LEU B 65 -7.53 9.28 10.07
C LEU B 65 -7.52 9.74 8.61
N GLU B 66 -6.77 9.03 7.78
CA GLU B 66 -6.86 9.24 6.35
C GLU B 66 -8.21 8.71 5.87
N ASP B 67 -8.81 9.40 4.91
CA ASP B 67 -10.13 9.07 4.39
C ASP B 67 -10.34 7.59 4.11
N HIS B 68 -9.29 6.91 3.66
CA HIS B 68 -9.36 5.52 3.21
C HIS B 68 -9.18 4.50 4.33
N GLU B 69 -8.72 4.93 5.50
CA GLU B 69 -8.40 4.01 6.57
C GLU B 69 -9.64 3.26 7.04
N LEU B 70 -9.51 1.93 7.17
CA LEU B 70 -10.59 1.12 7.72
C LEU B 70 -10.77 1.44 9.20
N VAL B 71 -11.98 1.88 9.53
CA VAL B 71 -12.34 2.29 10.87
C VAL B 71 -12.17 1.14 11.86
N VAL B 72 -12.38 -0.08 11.39
CA VAL B 72 -12.18 -1.25 12.23
C VAL B 72 -10.70 -1.48 12.58
N GLN B 73 -9.79 -1.20 11.65
CA GLN B 73 -8.35 -1.34 11.89
C GLN B 73 -7.89 -0.44 13.02
N VAL B 74 -8.18 0.85 12.85
CA VAL B 74 -7.81 1.88 13.82
C VAL B 74 -8.45 1.58 15.18
N GLU B 75 -9.72 1.19 15.18
CA GLU B 75 -10.43 0.84 16.42
C GLU B 75 -9.74 -0.28 17.21
N SER B 76 -9.05 -1.18 16.52
CA SER B 76 -8.40 -2.34 17.17
C SER B 76 -7.15 -1.94 17.95
N THR B 77 -6.58 -0.78 17.65
CA THR B 77 -5.40 -0.29 18.36
C THR B 77 -5.75 0.80 19.38
N MET B 78 -7.05 1.00 19.64
CA MET B 78 -7.51 2.01 20.61
C MET B 78 -7.33 1.49 22.03
N ALA B 79 -6.93 2.39 22.92
CA ALA B 79 -6.81 2.08 24.36
C ALA B 79 -8.14 2.29 25.09
N SER B 80 -8.13 2.13 26.41
CA SER B 80 -9.35 2.24 27.21
C SER B 80 -10.02 3.61 27.06
N GLU B 81 -9.25 4.68 27.25
CA GLU B 81 -9.77 6.03 27.27
C GLU B 81 -9.73 6.72 25.89
N SER B 82 -9.18 6.03 24.90
CA SER B 82 -9.07 6.58 23.55
C SER B 82 -10.44 6.89 22.96
N LYS B 83 -10.54 8.03 22.27
CA LYS B 83 -11.80 8.50 21.69
C LYS B 83 -11.68 8.74 20.19
N PHE B 84 -12.78 8.55 19.48
CA PHE B 84 -12.91 9.06 18.12
C PHE B 84 -13.54 10.45 18.21
N LEU B 85 -12.86 11.45 17.65
CA LEU B 85 -13.44 12.79 17.54
C LEU B 85 -13.89 13.04 16.10
N PHE B 86 -15.05 13.68 15.96
CA PHE B 86 -15.57 14.04 14.66
C PHE B 86 -15.53 15.54 14.52
N ARG B 87 -14.66 16.04 13.66
CA ARG B 87 -14.50 17.48 13.45
C ARG B 87 -14.06 17.83 12.03
N LYS B 88 -14.03 19.13 11.74
CA LYS B 88 -13.68 19.63 10.42
C LYS B 88 -12.16 19.79 10.28
N ASN B 89 -11.66 19.52 9.09
CA ASN B 89 -10.27 19.80 8.74
C ASN B 89 -10.23 20.44 7.36
N TYR B 90 -9.92 21.74 7.32
CA TYR B 90 -9.97 22.54 6.11
C TYR B 90 -8.63 22.65 5.37
N ALA B 91 -7.63 21.92 5.85
CA ALA B 91 -6.30 21.95 5.26
C ALA B 91 -5.88 20.55 4.81
N LYS B 92 -6.86 19.76 4.37
CA LYS B 92 -6.71 18.32 4.19
C LYS B 92 -5.67 17.84 3.18
N TYR B 93 -5.60 18.51 2.02
CA TYR B 93 -4.65 18.13 0.97
C TYR B 93 -3.94 19.36 0.44
N GLU B 94 -3.42 20.16 1.37
CA GLU B 94 -2.73 21.40 1.07
C GLU B 94 -1.53 21.18 0.16
N PHE B 95 -0.85 20.05 0.35
CA PHE B 95 0.28 19.67 -0.49
C PHE B 95 -0.16 19.39 -1.92
N PHE B 96 -1.22 18.61 -2.09
CA PHE B 96 -1.70 18.28 -3.42
C PHE B 96 -2.29 19.48 -4.17
N LYS B 97 -2.75 20.48 -3.42
CA LYS B 97 -3.31 21.70 -4.01
C LYS B 97 -2.24 22.64 -4.54
N ASN B 98 -1.05 22.61 -3.92
CA ASN B 98 0.13 23.36 -4.40
C ASN B 98 1.44 22.68 -3.97
N PRO B 99 1.89 21.66 -4.73
CA PRO B 99 3.05 20.84 -4.36
C PRO B 99 4.38 21.60 -4.41
N MET B 100 4.50 22.49 -5.39
CA MET B 100 5.76 23.12 -5.71
C MET B 100 6.20 24.12 -4.64
N ASN B 101 5.25 24.80 -4.02
CA ASN B 101 5.54 25.78 -2.98
C ASN B 101 4.93 25.40 -1.62
N PHE B 102 5.06 24.12 -1.26
CA PHE B 102 4.56 23.61 0.02
C PHE B 102 5.68 23.49 1.05
N PHE B 103 6.75 22.77 0.70
CA PHE B 103 7.90 22.64 1.58
C PHE B 103 8.83 23.84 1.42
N PRO B 104 9.32 24.38 2.56
CA PRO B 104 10.37 25.41 2.52
C PRO B 104 11.57 24.92 1.72
N GLU B 105 12.25 25.85 1.02
CA GLU B 105 13.34 25.52 0.10
C GLU B 105 14.40 24.60 0.71
N GLN B 106 14.66 23.49 0.03
CA GLN B 106 15.67 22.49 0.43
C GLN B 106 15.37 21.77 1.75
N MET B 107 14.10 21.46 1.98
CA MET B 107 13.69 20.60 3.09
C MET B 107 13.60 19.16 2.61
N VAL B 108 13.28 18.99 1.32
CA VAL B 108 13.11 17.69 0.70
C VAL B 108 14.04 17.56 -0.50
N THR B 109 14.87 16.53 -0.50
CA THR B 109 15.84 16.30 -1.58
C THR B 109 15.76 14.89 -2.17
N TRP B 110 16.12 14.77 -3.45
CA TRP B 110 15.89 13.54 -4.23
C TRP B 110 17.16 13.00 -4.90
N SER B 111 16.96 11.97 -5.73
CA SER B 111 18.03 11.31 -6.50
C SER B 111 19.06 10.63 -5.59
N LEU B 121 7.76 16.46 -8.88
CA LEU B 121 7.84 16.51 -7.42
C LEU B 121 6.65 15.81 -6.79
N LEU B 122 5.47 16.05 -7.35
CA LEU B 122 4.25 15.36 -6.95
C LEU B 122 4.39 13.85 -7.15
N GLN B 123 4.72 13.46 -8.38
CA GLN B 123 4.86 12.04 -8.75
C GLN B 123 5.95 11.32 -7.95
N ASN B 124 7.00 12.04 -7.60
CA ASN B 124 8.11 11.50 -6.81
C ASN B 124 7.65 10.99 -5.45
N PHE B 125 6.80 11.78 -4.79
CA PHE B 125 6.23 11.39 -3.51
C PHE B 125 5.25 10.22 -3.63
N LEU B 126 4.63 10.11 -4.80
CA LEU B 126 3.62 9.07 -5.03
C LEU B 126 4.25 7.75 -5.48
N ASN B 127 5.48 7.82 -5.98
CA ASN B 127 6.22 6.63 -6.37
C ASN B 127 6.97 6.01 -5.19
N SER B 128 6.50 4.84 -4.78
CA SER B 128 7.05 4.15 -3.61
C SER B 128 8.46 3.59 -3.84
N SER B 129 8.99 3.81 -5.05
CA SER B 129 10.37 3.44 -5.38
C SER B 129 11.35 4.58 -5.08
N SER B 130 10.85 5.80 -5.04
CA SER B 130 11.68 7.00 -4.87
C SER B 130 12.40 7.06 -3.53
N SER B 131 13.48 7.83 -3.48
CA SER B 131 14.27 8.01 -2.26
C SER B 131 14.26 9.48 -1.77
N PRO B 132 13.22 9.85 -1.00
CA PRO B 132 13.09 11.21 -0.49
C PRO B 132 13.81 11.41 0.83
N GLU B 133 14.64 12.46 0.89
CA GLU B 133 15.28 12.89 2.14
C GLU B 133 14.54 14.13 2.66
N ILE B 134 14.03 14.05 3.89
CA ILE B 134 13.36 15.18 4.54
C ILE B 134 14.18 15.64 5.76
N GLN B 135 14.63 16.90 5.73
CA GLN B 135 15.64 17.37 6.69
C GLN B 135 15.38 18.76 7.26
N GLY B 136 15.74 18.92 8.55
CA GLY B 136 15.63 20.20 9.25
C GLY B 136 15.78 20.01 10.75
N PHE B 137 15.96 21.12 11.48
CA PHE B 137 16.12 21.07 12.93
C PHE B 137 14.82 20.75 13.67
N LEU B 138 14.92 19.88 14.68
CA LEU B 138 13.82 19.59 15.61
C LEU B 138 14.37 19.30 17.00
N HIS B 139 13.64 19.74 18.03
CA HIS B 139 13.94 19.30 19.40
C HIS B 139 13.53 17.84 19.51
N VAL B 140 14.35 17.04 20.19
CA VAL B 140 14.08 15.62 20.34
C VAL B 140 14.08 15.22 21.81
N LYS B 141 13.00 14.54 22.22
CA LYS B 141 12.86 14.06 23.59
C LYS B 141 13.45 12.67 23.72
N GLU B 142 14.24 12.44 24.76
CA GLU B 142 14.77 11.11 25.02
C GLU B 142 13.75 10.27 25.77
N LEU B 143 13.64 9.00 25.39
CA LEU B 143 12.63 8.08 25.93
C LEU B 143 12.67 7.97 27.45
N GLY B 144 11.51 8.14 28.08
CA GLY B 144 11.37 8.01 29.53
C GLY B 144 11.49 9.32 30.29
N LYS B 145 12.57 10.05 30.02
CA LYS B 145 12.80 11.34 30.69
C LYS B 145 12.13 12.49 29.95
N LYS B 146 11.91 13.59 30.67
CA LYS B 146 11.33 14.81 30.10
C LYS B 146 12.43 15.80 29.73
N SER B 147 13.46 15.31 29.04
CA SER B 147 14.58 16.14 28.60
C SER B 147 14.68 16.15 27.08
N TRP B 148 14.99 17.32 26.54
CA TRP B 148 14.99 17.56 25.10
C TRP B 148 16.33 18.08 24.64
N LYS B 149 16.75 17.65 23.44
CA LYS B 149 17.97 18.16 22.82
C LYS B 149 17.68 18.50 21.35
N LYS B 150 18.15 19.67 20.92
CA LYS B 150 17.90 20.15 19.57
C LYS B 150 18.83 19.47 18.56
N LEU B 151 18.30 18.45 17.88
CA LEU B 151 19.08 17.67 16.94
C LEU B 151 18.63 17.92 15.51
N TYR B 152 19.57 17.89 14.57
CA TYR B 152 19.22 17.95 13.17
C TYR B 152 18.71 16.58 12.74
N VAL B 153 17.56 16.58 12.07
CA VAL B 153 16.82 15.35 11.81
C VAL B 153 16.65 15.07 10.32
N CYS B 154 16.71 13.78 9.97
CA CYS B 154 16.50 13.32 8.60
C CYS B 154 15.45 12.21 8.54
N LEU B 155 14.54 12.33 7.57
CA LEU B 155 13.48 11.33 7.38
C LEU B 155 13.63 10.62 6.03
N ARG B 156 13.83 9.31 6.09
CA ARG B 156 13.90 8.44 4.91
C ARG B 156 12.82 7.38 5.00
N ARG B 157 12.55 6.70 3.89
CA ARG B 157 11.62 5.56 3.87
C ARG B 157 12.07 4.50 4.87
N SER B 158 13.38 4.36 5.03
CA SER B 158 13.98 3.39 5.94
C SER B 158 13.87 3.79 7.42
N GLY B 159 13.48 5.03 7.69
CA GLY B 159 13.27 5.47 9.06
C GLY B 159 13.61 6.92 9.41
N LEU B 160 13.63 7.19 10.71
CA LEU B 160 13.93 8.51 11.25
C LEU B 160 15.33 8.54 11.87
N TYR B 161 16.14 9.49 11.42
CA TYR B 161 17.52 9.60 11.87
C TYR B 161 17.81 10.99 12.39
N CYS B 162 18.83 11.09 13.24
CA CYS B 162 19.36 12.38 13.65
C CYS B 162 20.82 12.53 13.22
N SER B 163 21.10 13.61 12.51
CA SER B 163 22.46 13.94 12.07
C SER B 163 23.29 14.43 13.25
N LEU B 174 24.64 9.16 10.83
CA LEU B 174 23.23 9.10 11.18
C LEU B 174 22.94 8.02 12.23
N GLN B 175 22.23 8.40 13.29
CA GLN B 175 21.82 7.46 14.33
C GLN B 175 20.34 7.12 14.16
N LEU B 176 20.05 5.83 14.04
CA LEU B 176 18.68 5.37 13.82
C LEU B 176 17.80 5.60 15.06
N LEU B 177 16.95 6.62 14.98
CA LEU B 177 16.01 6.91 16.06
C LEU B 177 14.91 5.85 16.05
N ALA B 178 14.08 5.86 15.03
CA ALA B 178 12.91 4.97 14.95
C ALA B 178 12.75 4.33 13.58
N ASP B 179 12.14 3.14 13.59
CA ASP B 179 11.72 2.47 12.35
C ASP B 179 10.29 2.90 12.02
N LEU B 180 9.96 2.92 10.74
CA LEU B 180 8.62 3.35 10.30
C LEU B 180 7.66 2.19 10.03
N GLU B 181 8.12 0.96 10.26
CA GLU B 181 7.28 -0.23 10.08
C GLU B 181 6.15 -0.28 11.10
N ASP B 182 4.90 -0.37 10.62
CA ASP B 182 3.71 -0.49 11.45
C ASP B 182 3.57 0.71 12.41
N SER B 183 3.62 1.91 11.85
CA SER B 183 3.60 3.15 12.66
C SER B 183 2.70 4.24 12.07
N ASN B 184 2.50 5.29 12.86
CA ASN B 184 1.74 6.46 12.44
C ASN B 184 2.28 7.73 13.09
N ILE B 185 2.02 8.88 12.46
CA ILE B 185 2.49 10.16 12.98
C ILE B 185 1.37 10.95 13.68
N PHE B 186 1.63 11.38 14.90
CA PHE B 186 0.64 12.04 15.72
C PHE B 186 1.12 13.42 16.12
N SER B 187 0.19 14.37 16.21
CA SER B 187 0.52 15.67 16.77
C SER B 187 0.35 15.63 18.28
N LEU B 188 1.13 16.44 18.98
CA LEU B 188 1.09 16.51 20.44
C LEU B 188 0.02 17.49 20.87
N ILE B 189 -0.86 17.09 21.79
CA ILE B 189 -1.91 17.97 22.27
C ILE B 189 -1.60 18.64 23.61
N ALA B 190 -1.06 17.85 24.55
CA ALA B 190 -0.74 18.37 25.88
C ALA B 190 0.55 19.17 25.84
N GLY B 191 1.56 18.61 25.17
CA GLY B 191 2.84 19.29 24.94
C GLY B 191 3.54 19.82 26.17
N ARG B 192 3.32 21.11 26.45
CA ARG B 192 4.04 21.85 27.49
C ARG B 192 3.94 21.23 28.88
N LYS B 193 2.72 20.89 29.30
CA LYS B 193 2.47 20.47 30.67
C LYS B 193 2.83 19.02 30.94
N GLN B 194 2.48 18.13 30.00
CA GLN B 194 2.66 16.69 30.21
C GLN B 194 4.10 16.22 30.02
N TYR B 195 4.71 16.60 28.90
CA TYR B 195 6.04 16.09 28.53
C TYR B 195 7.14 17.13 28.64
N ASN B 196 6.74 18.37 28.95
CA ASN B 196 7.66 19.50 29.03
C ASN B 196 8.34 19.78 27.68
N ALA B 197 7.50 20.05 26.68
CA ALA B 197 7.95 20.36 25.33
C ALA B 197 8.42 21.81 25.21
N PRO B 198 9.49 22.05 24.44
CA PRO B 198 10.04 23.40 24.24
C PRO B 198 9.08 24.35 23.51
N THR B 199 8.26 23.79 22.63
CA THR B 199 7.21 24.54 21.91
C THR B 199 5.89 23.76 21.98
N ASP B 200 4.78 24.42 21.63
CA ASP B 200 3.47 23.75 21.60
C ASP B 200 3.29 22.87 20.35
N HIS B 201 4.16 23.06 19.36
CA HIS B 201 4.01 22.43 18.04
C HIS B 201 4.65 21.05 17.93
N GLY B 202 4.36 20.18 18.89
CA GLY B 202 4.99 18.87 18.97
C GLY B 202 4.35 17.78 18.14
N LEU B 203 5.13 16.75 17.83
CA LEU B 203 4.66 15.61 17.04
C LEU B 203 5.41 14.33 17.41
N CYS B 204 4.89 13.18 16.99
CA CYS B 204 5.43 11.88 17.39
C CYS B 204 5.14 10.74 16.40
N ILE B 205 6.15 9.91 16.15
CA ILE B 205 5.96 8.68 15.39
C ILE B 205 5.78 7.51 16.35
N LYS B 206 4.54 7.07 16.49
CA LYS B 206 4.18 6.02 17.43
C LYS B 206 3.92 4.71 16.70
N PRO B 207 4.66 3.64 17.05
CA PRO B 207 4.37 2.30 16.55
C PRO B 207 3.00 1.84 17.07
N ASN B 208 2.23 1.19 16.20
CA ASN B 208 0.86 0.77 16.53
C ASN B 208 0.80 -0.25 17.67
N LYS B 209 1.91 -0.95 17.90
CA LYS B 209 2.05 -1.89 19.01
C LYS B 209 2.07 -1.18 20.37
N VAL B 210 2.49 0.08 20.37
CA VAL B 210 2.49 0.90 21.58
C VAL B 210 1.06 1.41 21.81
N ARG B 211 0.46 1.03 22.94
CA ARG B 211 -0.92 1.39 23.21
C ARG B 211 -1.05 2.19 24.50
N ASN B 212 -0.66 1.58 25.62
CA ASN B 212 -0.70 2.24 26.93
C ASN B 212 0.68 2.57 27.48
N GLU B 213 1.72 2.16 26.75
CA GLU B 213 3.10 2.56 27.02
C GLU B 213 3.20 4.07 26.79
N THR B 214 4.10 4.73 27.49
CA THR B 214 4.36 6.15 27.24
C THR B 214 5.84 6.50 27.34
N LYS B 215 6.59 5.66 28.06
CA LYS B 215 8.03 5.82 28.20
C LYS B 215 8.77 5.51 26.90
N GLU B 216 8.15 4.69 26.04
CA GLU B 216 8.76 4.27 24.79
C GLU B 216 8.30 5.12 23.59
N LEU B 217 7.97 6.38 23.87
CA LEU B 217 7.53 7.32 22.83
C LEU B 217 8.66 8.26 22.40
N ARG B 218 8.86 8.37 21.09
CA ARG B 218 9.79 9.35 20.52
C ARG B 218 9.08 10.63 20.11
N LEU B 219 9.27 11.67 20.90
CA LEU B 219 8.58 12.94 20.70
C LEU B 219 9.49 13.99 20.08
N LEU B 220 8.91 14.79 19.20
CA LEU B 220 9.64 15.82 18.47
C LEU B 220 8.96 17.17 18.64
N CYS B 221 9.68 18.25 18.33
CA CYS B 221 9.12 19.60 18.39
C CYS B 221 9.63 20.50 17.28
N ALA B 222 8.69 21.15 16.60
CA ALA B 222 9.01 22.14 15.57
C ALA B 222 8.92 23.55 16.14
N GLU B 223 9.64 24.48 15.52
CA GLU B 223 9.71 25.86 15.98
C GLU B 223 8.38 26.61 15.82
N ASP B 224 7.53 26.14 14.90
CA ASP B 224 6.21 26.73 14.65
C ASP B 224 5.22 25.73 14.02
N GLU B 225 4.00 26.19 13.73
CA GLU B 225 2.95 25.35 13.15
C GLU B 225 3.24 24.93 11.71
N GLN B 226 3.77 25.87 10.92
CA GLN B 226 4.05 25.63 9.51
C GLN B 226 5.05 24.49 9.30
N THR B 227 6.06 24.43 10.17
CA THR B 227 7.08 23.37 10.08
C THR B 227 6.60 22.02 10.60
N ARG B 228 5.74 22.00 11.62
CA ARG B 228 5.15 20.75 12.09
C ARG B 228 4.27 20.13 11.01
N THR B 229 3.42 20.97 10.40
CA THR B 229 2.52 20.57 9.33
C THR B 229 3.29 19.91 8.18
N SER B 230 4.42 20.50 7.82
CA SER B 230 5.25 19.98 6.72
C SER B 230 5.88 18.62 7.04
N TRP B 231 6.42 18.46 8.25
CA TRP B 231 6.98 17.17 8.70
C TRP B 231 5.94 16.06 8.72
N MET B 232 4.72 16.42 9.13
CA MET B 232 3.62 15.47 9.23
C MET B 232 3.10 15.08 7.86
N THR B 233 3.02 16.06 6.96
CA THR B 233 2.66 15.82 5.57
C THR B 233 3.70 14.89 4.93
N ALA B 234 4.98 15.17 5.20
CA ALA B 234 6.10 14.38 4.69
C ALA B 234 6.01 12.90 5.06
N PHE B 235 5.83 12.61 6.35
CA PHE B 235 5.68 11.23 6.82
C PHE B 235 4.47 10.55 6.16
N ARG B 236 3.33 11.22 6.21
CA ARG B 236 2.11 10.72 5.61
C ARG B 236 2.33 10.37 4.13
N LEU B 237 2.99 11.27 3.39
CA LEU B 237 3.36 10.99 1.99
C LEU B 237 4.27 9.77 1.83
N LEU B 238 5.20 9.59 2.76
CA LEU B 238 6.13 8.44 2.70
C LEU B 238 5.39 7.13 2.97
N LYS B 239 4.62 7.10 4.06
CA LYS B 239 3.87 5.92 4.44
C LYS B 239 2.74 5.58 3.47
N TYR B 240 1.90 6.58 3.17
CA TYR B 240 0.66 6.35 2.43
C TYR B 240 0.75 6.50 0.92
N GLY B 241 1.61 7.39 0.45
CA GLY B 241 1.85 7.58 -0.98
C GLY B 241 0.63 7.76 -1.86
N MET B 242 0.47 6.86 -2.82
CA MET B 242 -0.60 6.90 -3.81
C MET B 242 -2.01 6.86 -3.19
N LEU B 243 -2.15 6.23 -2.04
CA LEU B 243 -3.44 6.20 -1.35
C LEU B 243 -3.97 7.62 -1.08
N LEU B 244 -3.09 8.51 -0.63
CA LEU B 244 -3.51 9.88 -0.31
C LEU B 244 -3.95 10.66 -1.54
N TYR B 245 -3.22 10.46 -2.65
CA TYR B 245 -3.49 11.16 -3.89
C TYR B 245 -4.85 10.77 -4.44
N GLN B 246 -5.16 9.47 -4.35
CA GLN B 246 -6.44 8.96 -4.83
C GLN B 246 -7.59 9.50 -3.99
N ASN B 247 -7.40 9.53 -2.67
CA ASN B 247 -8.34 10.21 -1.76
C ASN B 247 -8.68 11.63 -2.25
N TYR B 248 -7.64 12.37 -2.66
CA TYR B 248 -7.81 13.73 -3.19
C TYR B 248 -8.37 13.72 -4.61
N ARG B 249 -7.94 12.75 -5.41
CA ARG B 249 -8.34 12.57 -6.82
C ARG B 249 -7.89 13.70 -7.74
S SCN C . -9.31 -7.83 -5.92
C SCN C . -9.41 -9.19 -7.08
N SCN C . -9.77 -10.02 -7.90
#